data_1ZHP
#
_entry.id   1ZHP
#
_cell.length_a   120.157
_cell.length_b   120.157
_cell.length_c   120.157
_cell.angle_alpha   90.00
_cell.angle_beta   90.00
_cell.angle_gamma   90.00
#
_symmetry.space_group_name_H-M   'I 2 3'
#
loop_
_entity.id
_entity.type
_entity.pdbx_description
1 polymer 'coagulation factor XI'
2 non-polymer BENZAMIDINE
3 non-polymer GLUTATHIONE
4 water water
#
_entity_poly.entity_id   1
_entity_poly.type   'polypeptide(L)'
_entity_poly.pdbx_seq_one_letter_code
;IVGGTASVRGEWPWQVTLHTTSPTQRHLCGGSIIGNQWILTAAHCFYGVESPKILRVYSGILNQAEIKEDTSFFGVQEII
IHDQYKMAESGYDIALLKLETTVNYADSQRPICLPSKGDRNVIYTDCWVTGWGYRALRDKIQNTLQKAKIPLVTNEECQK
RYRGHKITHKMICAGYREGGKDACKGDSGGPLSCKHNEVWHLVGITSWGEGCAQRERPGVYTNVVEYVDWILEKTQAV
;
_entity_poly.pdbx_strand_id   A
#
loop_
_chem_comp.id
_chem_comp.type
_chem_comp.name
_chem_comp.formula
BEN non-polymer BENZAMIDINE 'C7 H8 N2'
GSH non-polymer GLUTATHIONE 'C10 H17 N3 O6 S'
#
# COMPACT_ATOMS: atom_id res chain seq x y z
N ILE A 1 -3.96 -1.42 10.45
CA ILE A 1 -5.21 -2.13 10.06
C ILE A 1 -6.16 -2.22 11.24
N VAL A 2 -7.40 -1.79 11.03
CA VAL A 2 -8.38 -1.86 12.10
C VAL A 2 -9.29 -3.07 11.88
N GLY A 3 -9.47 -3.85 12.95
CA GLY A 3 -10.32 -5.02 12.88
C GLY A 3 -9.78 -6.15 12.06
N GLY A 4 -8.45 -6.24 12.01
CA GLY A 4 -7.81 -7.30 11.24
C GLY A 4 -7.19 -8.34 12.16
N THR A 5 -6.39 -9.24 11.58
CA THR A 5 -5.74 -10.28 12.37
C THR A 5 -4.28 -10.42 12.02
N ALA A 6 -3.47 -10.84 12.99
CA ALA A 6 -2.05 -11.05 12.78
C ALA A 6 -1.85 -11.99 11.60
N SER A 7 -1.00 -11.60 10.66
CA SER A 7 -0.74 -12.41 9.48
C SER A 7 0.16 -13.57 9.83
N VAL A 8 0.40 -14.41 8.83
CA VAL A 8 1.27 -15.57 8.97
C VAL A 8 2.56 -15.25 8.22
N ARG A 9 3.69 -15.59 8.83
CA ARG A 9 4.97 -15.32 8.20
C ARG A 9 5.01 -15.86 6.78
N GLY A 10 5.43 -15.02 5.85
CA GLY A 10 5.50 -15.44 4.46
C GLY A 10 4.20 -15.30 3.69
N GLU A 11 3.11 -14.98 4.40
CA GLU A 11 1.80 -14.83 3.78
C GLU A 11 1.72 -13.77 2.68
N TRP A 12 2.26 -12.57 2.96
CA TRP A 12 2.23 -11.48 1.97
C TRP A 12 3.66 -11.08 1.61
N PRO A 13 4.35 -11.92 0.84
CA PRO A 13 5.73 -11.70 0.40
C PRO A 13 6.05 -10.41 -0.37
N TRP A 14 5.05 -9.79 -0.99
CA TRP A 14 5.28 -8.58 -1.75
C TRP A 14 5.16 -7.34 -0.85
N GLN A 15 4.68 -7.56 0.36
CA GLN A 15 4.52 -6.47 1.31
C GLN A 15 5.87 -6.05 1.87
N VAL A 16 6.11 -4.74 1.94
CA VAL A 16 7.36 -4.21 2.49
C VAL A 16 7.03 -3.09 3.46
N THR A 17 7.94 -2.83 4.38
CA THR A 17 7.78 -1.77 5.37
C THR A 17 8.83 -0.69 5.11
N LEU A 18 8.38 0.48 4.69
CA LEU A 18 9.30 1.57 4.40
C LEU A 18 9.61 2.33 5.70
N HIS A 19 10.90 2.40 6.03
CA HIS A 19 11.38 3.08 7.24
C HIS A 19 12.09 4.37 6.88
N THR A 20 12.16 5.26 7.85
CA THR A 20 12.86 6.52 7.65
C THR A 20 13.88 6.59 8.77
N THR A 21 15.04 7.19 8.50
CA THR A 21 16.05 7.28 9.53
C THR A 21 16.18 8.67 10.14
N SER A 22 15.26 9.57 9.81
CA SER A 22 15.34 10.94 10.31
C SER A 22 14.04 11.45 10.96
N PRO A 23 14.13 11.93 12.22
CA PRO A 23 15.32 12.04 13.07
C PRO A 23 15.83 10.70 13.57
N THR A 24 14.93 9.75 13.77
CA THR A 24 15.30 8.43 14.23
C THR A 24 14.55 7.40 13.38
N GLN A 25 15.09 6.20 13.28
CA GLN A 25 14.45 5.16 12.47
C GLN A 25 13.07 4.78 12.96
N ARG A 26 12.12 4.69 12.04
CA ARG A 26 10.74 4.33 12.37
C ARG A 26 9.94 4.00 11.11
N HIS A 27 8.93 3.16 11.25
CA HIS A 27 8.08 2.80 10.11
C HIS A 27 7.34 4.02 9.57
N LEU A 28 7.50 4.29 8.28
CA LEU A 28 6.87 5.42 7.62
C LEU A 28 5.64 5.00 6.85
N CYS A 29 5.83 4.03 5.97
CA CYS A 29 4.74 3.53 5.15
C CYS A 29 4.93 2.08 4.73
N GLY A 30 3.95 1.58 3.99
CA GLY A 30 4.00 0.24 3.47
C GLY A 30 4.30 0.36 1.99
N GLY A 31 4.62 -0.77 1.36
CA GLY A 31 4.91 -0.77 -0.06
C GLY A 31 4.76 -2.19 -0.58
N SER A 32 4.75 -2.34 -1.90
CA SER A 32 4.62 -3.66 -2.49
C SER A 32 5.77 -3.88 -3.45
N ILE A 33 6.33 -5.09 -3.43
CA ILE A 33 7.41 -5.43 -4.33
C ILE A 33 6.81 -5.71 -5.70
N ILE A 34 7.25 -5.02 -6.75
CA ILE A 34 6.69 -5.33 -8.06
C ILE A 34 7.77 -5.63 -9.09
N GLY A 35 9.02 -5.52 -8.68
CA GLY A 35 10.14 -5.79 -9.56
C GLY A 35 11.36 -6.02 -8.70
N ASN A 36 12.39 -6.62 -9.26
CA ASN A 36 13.61 -6.89 -8.51
C ASN A 36 14.14 -5.64 -7.82
N GLN A 37 13.87 -4.50 -8.42
CA GLN A 37 14.32 -3.24 -7.84
C GLN A 37 13.25 -2.16 -7.89
N TRP A 38 11.99 -2.58 -7.85
CA TRP A 38 10.87 -1.65 -7.89
C TRP A 38 9.80 -1.86 -6.83
N ILE A 39 9.58 -0.82 -6.02
CA ILE A 39 8.58 -0.83 -4.97
C ILE A 39 7.45 0.15 -5.31
N LEU A 40 6.21 -0.32 -5.33
CA LEU A 40 5.10 0.57 -5.62
C LEU A 40 4.49 1.03 -4.31
N THR A 41 4.26 2.33 -4.18
CA THR A 41 3.74 2.84 -2.93
C THR A 41 2.95 4.14 -3.08
N ALA A 42 2.69 4.80 -1.95
CA ALA A 42 1.93 6.04 -1.94
C ALA A 42 2.77 7.33 -2.00
N ALA A 43 2.46 8.17 -2.98
CA ALA A 43 3.17 9.41 -3.15
C ALA A 43 3.11 10.26 -1.89
N HIS A 44 1.95 10.32 -1.25
CA HIS A 44 1.85 11.20 -0.10
C HIS A 44 2.69 10.68 1.07
N CYS A 45 3.25 9.49 0.91
CA CYS A 45 4.06 8.89 1.95
C CYS A 45 5.44 9.53 1.99
N PHE A 46 5.71 10.42 1.06
CA PHE A 46 7.02 11.04 0.94
C PHE A 46 7.02 12.50 1.26
N TYR A 47 6.01 12.94 1.98
CA TYR A 47 5.90 14.32 2.36
C TYR A 47 6.92 14.69 3.44
N GLY A 48 7.81 15.63 3.12
CA GLY A 48 8.83 16.03 4.08
C GLY A 48 10.14 15.30 3.83
N VAL A 49 10.14 14.40 2.87
CA VAL A 49 11.34 13.64 2.54
C VAL A 49 12.14 14.33 1.43
N GLU A 50 13.31 14.83 1.77
CA GLU A 50 14.16 15.52 0.81
C GLU A 50 15.06 14.54 0.02
N SER A 51 15.73 13.64 0.72
CA SER A 51 16.64 12.72 0.06
C SER A 51 16.27 11.28 0.31
N PRO A 52 16.39 10.42 -0.70
CA PRO A 52 16.05 9.02 -0.48
C PRO A 52 17.11 8.35 0.38
N LYS A 53 18.15 9.12 0.72
CA LYS A 53 19.24 8.61 1.53
C LYS A 53 18.81 8.21 2.93
N ILE A 54 17.66 8.72 3.36
CA ILE A 54 17.15 8.44 4.69
C ILE A 54 16.11 7.34 4.64
N LEU A 55 15.87 6.81 3.44
CA LEU A 55 14.89 5.74 3.27
C LEU A 55 15.51 4.35 3.40
N ARG A 56 14.74 3.43 3.96
CA ARG A 56 15.18 2.05 4.13
C ARG A 56 13.97 1.16 3.92
N VAL A 57 14.07 0.26 2.94
CA VAL A 57 12.99 -0.65 2.65
C VAL A 57 13.33 -2.00 3.26
N TYR A 58 12.42 -2.56 4.06
CA TYR A 58 12.63 -3.87 4.68
C TYR A 58 11.66 -4.92 4.17
N SER A 59 12.19 -5.88 3.43
CA SER A 59 11.38 -6.96 2.86
C SER A 59 11.34 -8.19 3.75
N GLY A 60 10.42 -9.09 3.41
CA GLY A 60 10.25 -10.31 4.15
C GLY A 60 10.26 -10.10 5.64
N ILE A 61 9.46 -9.13 6.12
CA ILE A 61 9.38 -8.85 7.55
C ILE A 61 7.96 -9.14 8.04
N LEU A 62 7.83 -9.80 9.19
CA LEU A 62 6.50 -10.09 9.78
C LEU A 62 6.31 -9.14 10.97
N ASN A 63 7.22 -9.21 11.92
CA ASN A 63 7.16 -8.36 13.09
C ASN A 63 8.21 -7.26 12.97
N GLN A 64 7.88 -6.09 13.49
CA GLN A 64 8.80 -4.96 13.44
C GLN A 64 10.00 -5.20 14.36
N ALA A 65 9.88 -6.11 15.32
CA ALA A 65 10.99 -6.38 16.23
C ALA A 65 12.15 -7.04 15.50
N GLU A 66 11.90 -7.57 14.31
CA GLU A 66 12.96 -8.22 13.55
C GLU A 66 13.91 -7.13 13.06
N ILE A 67 13.41 -5.90 13.05
CA ILE A 67 14.22 -4.79 12.57
C ILE A 67 15.05 -4.13 13.66
N LYS A 68 16.37 -4.27 13.55
CA LYS A 68 17.31 -3.68 14.49
C LYS A 68 18.43 -3.00 13.72
N GLU A 69 19.51 -2.73 14.44
CA GLU A 69 20.67 -2.07 13.88
C GLU A 69 21.38 -2.98 12.89
N ASP A 70 21.44 -4.26 13.22
CA ASP A 70 22.12 -5.26 12.38
C ASP A 70 21.24 -5.95 11.32
N THR A 71 20.06 -5.40 11.07
CA THR A 71 19.16 -5.98 10.08
C THR A 71 19.41 -5.44 8.67
N SER A 72 19.75 -6.32 7.74
CA SER A 72 20.03 -5.89 6.38
C SER A 72 18.76 -5.27 5.83
N PHE A 73 18.91 -4.42 4.82
CA PHE A 73 17.77 -3.73 4.23
C PHE A 73 18.19 -3.24 2.85
N PHE A 74 17.25 -2.65 2.15
CA PHE A 74 17.51 -2.12 0.81
C PHE A 74 17.47 -0.60 0.84
N GLY A 75 18.54 0.04 0.38
CA GLY A 75 18.56 1.49 0.34
C GLY A 75 17.74 1.96 -0.84
N VAL A 76 17.36 3.23 -0.87
CA VAL A 76 16.61 3.71 -2.01
C VAL A 76 17.52 4.54 -2.90
N GLN A 77 17.46 4.30 -4.20
CA GLN A 77 18.31 5.06 -5.11
C GLN A 77 17.56 6.25 -5.65
N GLU A 78 16.28 6.05 -5.93
CA GLU A 78 15.46 7.14 -6.45
C GLU A 78 14.01 7.03 -6.04
N ILE A 79 13.38 8.18 -5.84
CA ILE A 79 11.97 8.29 -5.46
C ILE A 79 11.23 8.91 -6.65
N ILE A 80 10.31 8.18 -7.25
CA ILE A 80 9.57 8.73 -8.39
C ILE A 80 8.11 8.93 -8.07
N ILE A 81 7.67 10.18 -8.06
CA ILE A 81 6.28 10.50 -7.76
C ILE A 81 5.53 10.94 -9.00
N HIS A 82 4.22 10.77 -9.02
CA HIS A 82 3.45 11.18 -10.18
C HIS A 82 3.58 12.69 -10.36
N ASP A 83 3.67 13.12 -11.63
CA ASP A 83 3.82 14.52 -11.99
C ASP A 83 2.53 15.30 -11.82
N GLN A 84 1.45 14.56 -11.65
CA GLN A 84 0.14 15.19 -11.49
C GLN A 84 -0.43 14.95 -10.09
N TYR A 85 0.45 14.72 -9.13
CA TYR A 85 0.02 14.45 -7.78
C TYR A 85 0.21 15.65 -6.86
N LYS A 86 -0.85 16.03 -6.17
CA LYS A 86 -0.78 17.16 -5.23
C LYS A 86 -1.04 16.66 -3.81
N MET A 87 -1.90 15.66 -3.68
CA MET A 87 -2.24 15.13 -2.37
C MET A 87 -3.16 13.92 -2.47
N ALA A 88 -3.11 13.10 -1.43
CA ALA A 88 -3.86 11.86 -1.36
C ALA A 88 -5.32 11.98 -1.79
N GLU A 89 -6.05 12.84 -1.09
CA GLU A 89 -7.46 13.04 -1.37
C GLU A 89 -7.74 13.51 -2.79
N SER A 90 -6.69 13.91 -3.51
CA SER A 90 -6.84 14.37 -4.88
C SER A 90 -6.35 13.37 -5.90
N GLY A 91 -6.12 12.13 -5.46
CA GLY A 91 -5.66 11.09 -6.37
C GLY A 91 -4.21 11.16 -6.82
N TYR A 92 -3.83 10.25 -7.72
CA TYR A 92 -2.46 10.18 -8.23
C TYR A 92 -1.53 9.92 -7.07
N ASP A 93 -2.08 9.35 -6.00
CA ASP A 93 -1.31 9.05 -4.82
C ASP A 93 -0.55 7.75 -5.11
N ILE A 94 0.51 7.88 -5.89
CA ILE A 94 1.29 6.73 -6.28
C ILE A 94 2.76 7.10 -6.50
N ALA A 95 3.67 6.25 -6.05
CA ALA A 95 5.08 6.52 -6.22
C ALA A 95 5.90 5.24 -6.33
N LEU A 96 7.04 5.35 -7.03
CA LEU A 96 7.93 4.21 -7.21
C LEU A 96 9.26 4.44 -6.51
N LEU A 97 9.83 3.37 -5.99
CA LEU A 97 11.11 3.45 -5.32
C LEU A 97 12.07 2.51 -6.04
N LYS A 98 13.10 3.08 -6.67
CA LYS A 98 14.09 2.27 -7.35
C LYS A 98 15.11 1.90 -6.28
N LEU A 99 15.15 0.64 -5.88
CA LEU A 99 16.09 0.20 -4.86
C LEU A 99 17.55 0.26 -5.32
N GLU A 100 18.47 0.55 -4.41
CA GLU A 100 19.89 0.63 -4.75
C GLU A 100 20.47 -0.72 -5.13
N THR A 101 19.84 -1.78 -4.64
CA THR A 101 20.29 -3.13 -4.94
C THR A 101 19.07 -3.93 -5.34
N THR A 102 19.32 -5.12 -5.89
CA THR A 102 18.24 -5.98 -6.35
C THR A 102 17.77 -6.96 -5.29
N VAL A 103 16.47 -7.22 -5.29
CA VAL A 103 15.87 -8.14 -4.35
C VAL A 103 15.99 -9.57 -4.88
N ASN A 104 16.46 -10.47 -4.03
CA ASN A 104 16.60 -11.87 -4.40
C ASN A 104 15.31 -12.58 -4.02
N TYR A 105 14.41 -12.72 -4.99
CA TYR A 105 13.12 -13.36 -4.73
C TYR A 105 13.25 -14.64 -3.93
N ALA A 106 12.24 -14.95 -3.14
CA ALA A 106 12.22 -16.15 -2.33
C ALA A 106 10.86 -16.28 -1.69
N ASP A 107 10.67 -17.31 -0.87
CA ASP A 107 9.39 -17.52 -0.23
C ASP A 107 9.01 -16.37 0.69
N SER A 108 10.02 -15.66 1.19
CA SER A 108 9.80 -14.56 2.10
C SER A 108 9.62 -13.22 1.43
N GLN A 109 9.96 -13.14 0.14
CA GLN A 109 9.83 -11.88 -0.57
C GLN A 109 9.75 -12.11 -2.06
N ARG A 110 8.57 -11.92 -2.62
CA ARG A 110 8.36 -12.11 -4.05
C ARG A 110 7.45 -11.00 -4.55
N PRO A 111 7.48 -10.73 -5.86
CA PRO A 111 6.65 -9.67 -6.44
C PRO A 111 5.18 -10.04 -6.49
N ILE A 112 4.33 -9.04 -6.66
CA ILE A 112 2.90 -9.26 -6.80
C ILE A 112 2.57 -8.86 -8.23
N CYS A 113 1.58 -9.49 -8.85
CA CYS A 113 1.19 -9.21 -10.24
C CYS A 113 0.46 -7.91 -10.32
N LEU A 114 0.67 -7.21 -11.42
CA LEU A 114 -0.05 -5.99 -11.66
C LEU A 114 -1.20 -6.30 -12.62
N PRO A 115 -2.40 -5.78 -12.32
CA PRO A 115 -3.57 -6.00 -13.18
C PRO A 115 -3.30 -5.43 -14.57
N SER A 116 -4.07 -5.87 -15.56
CA SER A 116 -3.90 -5.37 -16.93
C SER A 116 -5.20 -4.72 -17.40
N LYS A 117 -5.09 -3.87 -18.40
CA LYS A 117 -6.25 -3.16 -18.93
C LYS A 117 -7.32 -4.13 -19.41
N GLY A 118 -6.97 -5.41 -19.47
CA GLY A 118 -7.93 -6.41 -19.90
C GLY A 118 -8.90 -6.79 -18.79
N ASP A 119 -8.35 -7.07 -17.61
CA ASP A 119 -9.20 -7.46 -16.48
C ASP A 119 -9.79 -6.22 -15.82
N ARG A 120 -9.93 -5.16 -16.62
CA ARG A 120 -10.50 -3.92 -16.11
C ARG A 120 -11.97 -4.12 -15.76
N ASN A 121 -12.53 -5.23 -16.21
CA ASN A 121 -13.92 -5.56 -15.92
C ASN A 121 -14.05 -6.72 -14.94
N VAL A 122 -12.93 -7.20 -14.45
CA VAL A 122 -12.95 -8.31 -13.50
C VAL A 122 -13.46 -7.82 -12.15
N ILE A 123 -14.17 -8.70 -11.44
CA ILE A 123 -14.70 -8.35 -10.13
C ILE A 123 -14.00 -9.18 -9.07
N TYR A 124 -13.15 -8.52 -8.28
CA TYR A 124 -12.42 -9.19 -7.23
C TYR A 124 -13.31 -9.36 -6.01
N THR A 125 -13.48 -10.60 -5.58
CA THR A 125 -14.33 -10.92 -4.43
C THR A 125 -13.49 -11.30 -3.23
N ASP A 126 -12.20 -11.52 -3.47
CA ASP A 126 -11.28 -11.93 -2.42
C ASP A 126 -10.13 -10.93 -2.27
N CYS A 127 -10.36 -9.82 -1.57
CA CYS A 127 -9.36 -8.79 -1.38
C CYS A 127 -8.93 -8.58 0.08
N TRP A 128 -7.64 -8.33 0.29
CA TRP A 128 -7.13 -8.13 1.64
C TRP A 128 -6.23 -6.91 1.72
N VAL A 129 -6.27 -6.24 2.87
CA VAL A 129 -5.45 -5.07 3.08
C VAL A 129 -4.54 -5.41 4.24
N THR A 130 -3.25 -5.15 4.06
CA THR A 130 -2.27 -5.48 5.08
C THR A 130 -1.39 -4.31 5.47
N GLY A 131 -0.86 -4.36 6.69
CA GLY A 131 0.02 -3.29 7.13
C GLY A 131 0.30 -3.34 8.61
N TRP A 132 1.17 -2.43 9.05
CA TRP A 132 1.54 -2.28 10.45
C TRP A 132 0.88 -1.02 10.99
N GLY A 133 -0.11 -0.53 10.24
CA GLY A 133 -0.82 0.67 10.62
C GLY A 133 -1.57 0.58 11.95
N TYR A 134 -2.28 1.64 12.27
CA TYR A 134 -3.04 1.70 13.49
C TYR A 134 -4.19 0.70 13.56
N ARG A 135 -4.54 0.31 14.79
CA ARG A 135 -5.62 -0.62 15.10
C ARG A 135 -6.83 0.20 15.49
N ALA A 136 -6.59 1.48 15.71
CA ALA A 136 -7.62 2.42 16.10
C ALA A 136 -7.10 3.83 15.83
N LEU A 137 -8.01 4.74 15.45
CA LEU A 137 -7.64 6.12 15.13
C LEU A 137 -6.52 6.67 16.02
N ARG A 138 -6.58 6.37 17.32
CA ARG A 138 -5.56 6.84 18.27
C ARG A 138 -4.80 5.67 18.88
N ASP A 139 -3.96 4.99 18.10
CA ASP A 139 -3.18 3.84 18.58
C ASP A 139 -1.68 4.07 18.32
N LYS A 140 -1.05 3.12 17.64
CA LYS A 140 0.38 3.20 17.31
C LYS A 140 0.76 2.14 16.29
N ILE A 141 1.98 2.21 15.75
CA ILE A 141 2.41 1.23 14.78
C ILE A 141 2.42 -0.17 15.40
N GLN A 142 1.80 -1.10 14.69
CA GLN A 142 1.70 -2.48 15.12
C GLN A 142 2.96 -3.25 14.80
N ASN A 143 3.38 -4.11 15.73
CA ASN A 143 4.57 -4.92 15.57
C ASN A 143 4.37 -6.01 14.53
N THR A 144 3.25 -6.71 14.60
CA THR A 144 2.95 -7.80 13.67
C THR A 144 2.08 -7.37 12.50
N LEU A 145 2.50 -7.72 11.29
CA LEU A 145 1.77 -7.39 10.08
C LEU A 145 0.32 -7.86 10.21
N GLN A 146 -0.59 -6.89 10.25
CA GLN A 146 -2.01 -7.18 10.36
C GLN A 146 -2.64 -7.31 8.98
N LYS A 147 -3.68 -8.14 8.89
CA LYS A 147 -4.39 -8.34 7.64
C LYS A 147 -5.90 -8.25 7.90
N ALA A 148 -6.66 -8.04 6.84
CA ALA A 148 -8.11 -7.93 6.97
C ALA A 148 -8.76 -8.05 5.59
N LYS A 149 -9.82 -8.85 5.50
CA LYS A 149 -10.52 -9.04 4.23
C LYS A 149 -11.62 -8.00 4.10
N ILE A 150 -11.53 -7.19 3.04
CA ILE A 150 -12.50 -6.13 2.81
C ILE A 150 -13.10 -6.17 1.40
N PRO A 151 -14.42 -5.98 1.32
CA PRO A 151 -15.07 -6.00 0.02
C PRO A 151 -14.89 -4.68 -0.72
N LEU A 152 -14.86 -4.76 -2.04
CA LEU A 152 -14.73 -3.60 -2.88
C LEU A 152 -16.11 -2.94 -2.94
N VAL A 153 -16.16 -1.66 -3.27
CA VAL A 153 -17.43 -0.95 -3.41
C VAL A 153 -17.32 -0.13 -4.68
N THR A 154 -18.40 -0.08 -5.44
CA THR A 154 -18.41 0.67 -6.68
C THR A 154 -18.05 2.13 -6.41
N ASN A 155 -17.36 2.76 -7.36
CA ASN A 155 -16.97 4.15 -7.17
C ASN A 155 -18.19 5.02 -6.95
N GLU A 156 -19.33 4.55 -7.45
CA GLU A 156 -20.59 5.26 -7.31
C GLU A 156 -21.05 5.21 -5.87
N GLU A 157 -20.91 4.04 -5.26
CA GLU A 157 -21.30 3.84 -3.88
C GLU A 157 -20.34 4.60 -2.98
N CYS A 158 -19.08 4.62 -3.38
CA CYS A 158 -18.06 5.29 -2.62
C CYS A 158 -18.33 6.78 -2.64
N GLN A 159 -18.44 7.33 -3.84
CA GLN A 159 -18.71 8.75 -4.00
C GLN A 159 -19.85 9.18 -3.08
N LYS A 160 -20.83 8.30 -2.92
CA LYS A 160 -21.98 8.58 -2.06
C LYS A 160 -21.59 8.79 -0.60
N ARG A 161 -20.47 8.19 -0.17
CA ARG A 161 -20.03 8.33 1.22
C ARG A 161 -19.10 9.52 1.43
N TYR A 162 -18.51 10.00 0.35
CA TYR A 162 -17.61 11.15 0.44
C TYR A 162 -18.14 12.31 -0.36
N ARG A 163 -19.27 12.85 0.07
CA ARG A 163 -19.88 13.96 -0.64
C ARG A 163 -19.03 15.20 -0.69
N GLY A 164 -17.95 15.20 0.08
CA GLY A 164 -17.06 16.37 0.08
C GLY A 164 -15.92 16.23 -0.93
N HIS A 165 -15.74 15.03 -1.48
CA HIS A 165 -14.66 14.80 -2.44
C HIS A 165 -15.18 14.37 -3.82
N LYS A 166 -14.24 14.01 -4.68
CA LYS A 166 -14.55 13.54 -6.01
C LYS A 166 -13.84 12.21 -6.20
N ILE A 167 -14.58 11.12 -6.06
CA ILE A 167 -14.01 9.79 -6.23
C ILE A 167 -13.85 9.56 -7.73
N THR A 168 -12.62 9.74 -8.22
CA THR A 168 -12.33 9.57 -9.64
C THR A 168 -12.21 8.11 -10.04
N HIS A 169 -12.34 7.81 -11.32
CA HIS A 169 -12.23 6.44 -11.77
C HIS A 169 -10.82 5.94 -11.50
N LYS A 170 -9.95 6.83 -11.04
CA LYS A 170 -8.58 6.43 -10.74
C LYS A 170 -8.42 6.17 -9.26
N MET A 171 -9.55 5.95 -8.61
CA MET A 171 -9.60 5.64 -7.19
C MET A 171 -10.47 4.42 -7.02
N ILE A 172 -10.19 3.64 -5.99
CA ILE A 172 -11.01 2.48 -5.74
C ILE A 172 -11.18 2.41 -4.23
N CYS A 173 -12.40 2.08 -3.80
CA CYS A 173 -12.66 2.00 -2.37
C CYS A 173 -13.07 0.60 -1.96
N ALA A 174 -13.08 0.37 -0.65
CA ALA A 174 -13.44 -0.92 -0.11
C ALA A 174 -13.78 -0.73 1.36
N GLY A 175 -14.88 -1.33 1.80
CA GLY A 175 -15.28 -1.21 3.18
C GLY A 175 -16.64 -1.84 3.43
N TYR A 176 -16.95 -2.02 4.72
CA TYR A 176 -18.22 -2.59 5.14
C TYR A 176 -19.15 -1.43 5.45
N ARG A 177 -20.41 -1.56 5.05
CA ARG A 177 -21.41 -0.52 5.28
C ARG A 177 -21.44 -0.12 6.75
N GLU A 178 -21.24 -1.08 7.63
CA GLU A 178 -21.25 -0.82 9.07
C GLU A 178 -19.83 -0.63 9.61
N GLY A 179 -18.84 -0.61 8.71
CA GLY A 179 -17.47 -0.44 9.12
C GLY A 179 -16.90 -1.62 9.89
N GLY A 180 -15.88 -1.36 10.70
CA GLY A 180 -15.26 -2.42 11.48
C GLY A 180 -13.87 -2.82 11.02
N LYS A 181 -13.69 -2.92 9.71
CA LYS A 181 -12.39 -3.30 9.15
C LYS A 181 -11.96 -2.26 8.13
N ASP A 182 -10.69 -1.86 8.16
CA ASP A 182 -10.22 -0.83 7.24
C ASP A 182 -8.73 -0.54 7.46
N ALA A 183 -8.11 0.19 6.55
CA ALA A 183 -6.71 0.52 6.72
C ALA A 183 -6.69 1.72 7.66
N CYS A 184 -5.55 2.05 8.23
CA CYS A 184 -5.47 3.21 9.11
C CYS A 184 -4.08 3.83 9.08
N LYS A 185 -3.83 4.82 9.93
CA LYS A 185 -2.55 5.47 9.94
C LYS A 185 -1.40 4.49 10.02
N GLY A 186 -0.48 4.55 9.05
CA GLY A 186 0.66 3.65 9.07
C GLY A 186 0.62 2.63 7.95
N ASP A 187 -0.58 2.42 7.41
CA ASP A 187 -0.78 1.46 6.34
C ASP A 187 -0.66 2.06 4.95
N SER A 188 -0.59 3.38 4.89
CA SER A 188 -0.49 4.03 3.59
C SER A 188 0.60 3.40 2.76
N GLY A 189 0.43 3.41 1.44
CA GLY A 189 1.41 2.75 0.60
C GLY A 189 1.19 1.26 0.60
N GLY A 190 0.42 0.77 1.56
CA GLY A 190 0.13 -0.65 1.61
C GLY A 190 -0.57 -1.15 0.36
N PRO A 191 -0.42 -2.45 0.06
CA PRO A 191 -1.05 -3.05 -1.11
C PRO A 191 -2.45 -3.55 -0.78
N LEU A 192 -3.28 -3.59 -1.79
CA LEU A 192 -4.66 -4.08 -1.64
C LEU A 192 -4.79 -5.39 -2.41
N SER A 193 -4.08 -6.41 -1.97
CA SER A 193 -4.06 -7.68 -2.66
C SER A 193 -5.44 -8.28 -2.91
N CYS A 194 -5.65 -8.77 -4.12
CA CYS A 194 -6.90 -9.44 -4.45
C CYS A 194 -6.61 -10.80 -5.15
N LYS A 195 -7.02 -11.92 -4.56
CA LYS A 195 -6.75 -13.19 -5.22
C LYS A 195 -7.83 -13.44 -6.27
N HIS A 196 -7.40 -13.69 -7.50
CA HIS A 196 -8.32 -13.96 -8.59
C HIS A 196 -7.65 -14.96 -9.52
N ASN A 197 -8.18 -16.19 -9.55
CA ASN A 197 -7.64 -17.24 -10.40
C ASN A 197 -6.38 -17.84 -9.81
N GLU A 198 -6.40 -18.05 -8.49
CA GLU A 198 -5.25 -18.61 -7.80
C GLU A 198 -4.04 -17.69 -7.81
N VAL A 199 -4.25 -16.45 -8.28
CA VAL A 199 -3.17 -15.47 -8.34
C VAL A 199 -3.51 -14.14 -7.65
N TRP A 200 -2.55 -13.58 -6.94
CA TRP A 200 -2.77 -12.31 -6.25
C TRP A 200 -2.43 -11.14 -7.17
N HIS A 201 -3.34 -10.17 -7.24
CA HIS A 201 -3.16 -8.99 -8.07
C HIS A 201 -3.25 -7.72 -7.24
N LEU A 202 -2.25 -6.87 -7.39
CA LEU A 202 -2.20 -5.60 -6.66
C LEU A 202 -3.29 -4.69 -7.22
N VAL A 203 -4.45 -4.70 -6.59
CA VAL A 203 -5.57 -3.88 -7.07
C VAL A 203 -5.49 -2.42 -6.63
N GLY A 204 -5.31 -2.15 -5.35
CA GLY A 204 -5.20 -0.78 -4.90
C GLY A 204 -4.02 -0.54 -3.99
N ILE A 205 -3.71 0.74 -3.74
CA ILE A 205 -2.61 1.13 -2.86
C ILE A 205 -3.25 1.96 -1.75
N THR A 206 -3.19 1.48 -0.52
CA THR A 206 -3.79 2.20 0.59
C THR A 206 -3.42 3.68 0.47
N SER A 207 -4.45 4.51 0.34
CA SER A 207 -4.25 5.94 0.20
C SER A 207 -4.79 6.76 1.35
N TRP A 208 -6.11 6.83 1.48
CA TRP A 208 -6.71 7.63 2.54
C TRP A 208 -8.12 7.18 2.93
N GLY A 209 -8.67 7.88 3.92
CA GLY A 209 -10.00 7.60 4.40
C GLY A 209 -10.39 8.58 5.50
N GLU A 210 -11.67 8.69 5.78
CA GLU A 210 -12.11 9.58 6.84
C GLU A 210 -12.07 8.78 8.13
N GLY A 211 -11.14 9.13 9.02
CA GLY A 211 -11.01 8.40 10.26
C GLY A 211 -10.46 7.03 9.94
N CYS A 212 -11.06 5.99 10.50
CA CYS A 212 -10.61 4.62 10.28
C CYS A 212 -11.70 3.60 10.60
N ALA A 213 -12.07 2.81 9.61
CA ALA A 213 -13.08 1.77 9.81
C ALA A 213 -14.41 2.29 10.33
N GLN A 214 -14.80 3.49 9.90
CA GLN A 214 -16.08 4.06 10.34
C GLN A 214 -17.19 3.52 9.47
N ARG A 215 -18.41 3.51 10.00
CA ARG A 215 -19.52 3.00 9.20
C ARG A 215 -19.78 3.95 8.03
N GLU A 216 -20.08 3.38 6.87
CA GLU A 216 -20.36 4.16 5.66
C GLU A 216 -19.19 5.06 5.24
N ARG A 217 -17.98 4.62 5.55
CA ARG A 217 -16.78 5.37 5.19
C ARG A 217 -15.72 4.42 4.63
N PRO A 218 -15.98 3.84 3.44
CA PRO A 218 -15.02 2.91 2.85
C PRO A 218 -13.63 3.53 2.73
N GLY A 219 -12.61 2.67 2.70
CA GLY A 219 -11.25 3.17 2.57
C GLY A 219 -11.00 3.52 1.12
N VAL A 220 -10.12 4.48 0.87
CA VAL A 220 -9.79 4.88 -0.50
C VAL A 220 -8.41 4.39 -0.91
N TYR A 221 -8.32 3.79 -2.08
CA TYR A 221 -7.06 3.25 -2.59
C TYR A 221 -6.81 3.72 -4.02
N THR A 222 -5.54 3.78 -4.40
CA THR A 222 -5.19 4.19 -5.75
C THR A 222 -5.52 3.02 -6.66
N ASN A 223 -6.34 3.27 -7.67
CA ASN A 223 -6.73 2.22 -8.60
C ASN A 223 -5.57 1.87 -9.51
N VAL A 224 -4.74 0.94 -9.05
CA VAL A 224 -3.54 0.55 -9.80
C VAL A 224 -3.67 0.23 -11.30
N VAL A 225 -4.78 -0.38 -11.73
CA VAL A 225 -4.92 -0.71 -13.15
C VAL A 225 -4.82 0.55 -14.01
N GLU A 226 -5.25 1.67 -13.45
CA GLU A 226 -5.22 2.93 -14.18
C GLU A 226 -3.83 3.54 -14.25
N TYR A 227 -2.82 2.84 -13.72
CA TYR A 227 -1.46 3.38 -13.74
C TYR A 227 -0.42 2.46 -14.37
N VAL A 228 -0.86 1.32 -14.88
CA VAL A 228 0.06 0.38 -15.51
C VAL A 228 0.95 1.08 -16.52
N ASP A 229 0.36 1.90 -17.39
CA ASP A 229 1.15 2.60 -18.39
C ASP A 229 2.20 3.52 -17.78
N TRP A 230 1.84 4.17 -16.68
CA TRP A 230 2.74 5.09 -16.00
C TRP A 230 3.92 4.35 -15.40
N ILE A 231 3.63 3.21 -14.79
CA ILE A 231 4.63 2.36 -14.15
C ILE A 231 5.63 1.85 -15.18
N LEU A 232 5.15 1.49 -16.36
CA LEU A 232 6.03 0.99 -17.39
C LEU A 232 6.92 2.12 -17.87
N GLU A 233 6.32 3.28 -18.09
CA GLU A 233 7.06 4.44 -18.54
C GLU A 233 8.17 4.87 -17.59
N LYS A 234 7.90 4.81 -16.29
CA LYS A 234 8.89 5.23 -15.30
C LYS A 234 9.91 4.18 -14.89
N THR A 235 9.62 2.91 -15.16
CA THR A 235 10.54 1.84 -14.80
C THR A 235 11.59 1.56 -15.87
N GLN A 236 11.37 2.11 -17.07
CA GLN A 236 12.30 1.93 -18.18
C GLN A 236 13.25 3.11 -18.31
N ALA A 237 13.19 4.02 -17.34
CA ALA A 237 14.05 5.21 -17.32
C ALA A 237 14.00 5.92 -18.67
C1 BEN B . -7.04 5.33 5.95
C2 BEN B . -6.50 6.22 6.94
C3 BEN B . -5.06 6.73 6.78
C4 BEN B . -4.31 6.31 5.65
C5 BEN B . -4.90 5.43 4.69
C6 BEN B . -6.23 4.94 4.84
C BEN B . -8.30 4.84 6.06
N1 BEN B . -9.15 5.32 7.06
N2 BEN B . -8.70 3.94 5.26
CG1 GSH C . 6.89 -15.62 -10.29
CD1 GSH C . 6.10 -14.55 -9.48
OE1 GSH C . 6.46 -14.32 -8.30
N2 GSH C . 5.03 -13.91 -10.12
CA2 GSH C . 4.24 -12.88 -9.37
C2 GSH C . 2.97 -13.51 -8.85
O2 GSH C . 2.49 -14.54 -9.35
CB2 GSH C . 3.83 -11.60 -10.22
SG2 GSH C . 2.62 -11.87 -11.59
N3 GSH C . 2.42 -12.82 -7.83
CA3 GSH C . 1.18 -13.15 -7.14
C3 GSH C . 1.19 -14.52 -6.48
O31 GSH C . 0.14 -15.17 -6.65
O32 GSH C . 2.18 -14.88 -5.82
#